data_5J3S
#
_entry.id   5J3S
#
_cell.length_a   68.516
_cell.length_b   68.516
_cell.length_c   209.505
_cell.angle_alpha   90.00
_cell.angle_beta   90.00
_cell.angle_gamma   120.00
#
_symmetry.space_group_name_H-M   'P 65 2 2'
#
loop_
_entity.id
_entity.type
_entity.pdbx_description
1 polymer 'Tyrosyl-DNA phosphodiesterase 2'
2 non-polymer 2,4-dioxo-10-[3-(1H-tetrazol-5-yl)phenyl]-2,3,4,10-tetrahydropyrimido[4,5-b]quinoline-8-carbonitrile
#
_entity_poly.entity_id   1
_entity_poly.type   'polypeptide(L)'
_entity_poly.pdbx_seq_one_letter_code
;GSHMFSLITWNIDGLDLNNLSERARGVCSYLALYSPDVIFLQEVIPPYYSYLKKRSSNYEIITGHEEGYFTAIMLKKSRV
KLKSQEIIPFPSTKMMRNLLCVHVNVSGNELCLMTSHLESTRGHAAERMNQLKMVLKKMQEAPESATVIFAGDTNLRDRE
VTRSGGLPNNIVDVWEFLGKPKHCQYTWDTQMNSNLGITAACKLRFDRIFFRAAAEEGHIIPRSLDLLGLEKLDCGRFPS
DHWGLLCNLDIIL
;
_entity_poly.pdbx_strand_id   A
#
loop_
_chem_comp.id
_chem_comp.type
_chem_comp.name
_chem_comp.formula
6FQ non-polymer 2,4-dioxo-10-[3-(1H-tetrazol-5-yl)phenyl]-2,3,4,10-tetrahydropyrimido[4,5-b]quinoline-8-carbonitrile 'C19 H10 N8 O2'
#
# COMPACT_ATOMS: atom_id res chain seq x y z
N HIS A 3 0.14 22.83 1.19
CA HIS A 3 1.51 22.95 1.64
C HIS A 3 2.37 21.81 1.12
N MET A 4 2.48 20.73 1.90
CA MET A 4 3.23 19.56 1.52
C MET A 4 2.48 18.31 1.99
N PHE A 5 2.84 17.17 1.42
CA PHE A 5 2.20 15.91 1.75
C PHE A 5 3.08 14.77 1.27
N SER A 6 2.95 13.62 1.93
CA SER A 6 3.70 12.43 1.55
C SER A 6 2.92 11.20 1.99
N LEU A 7 3.26 10.06 1.38
CA LEU A 7 2.67 8.78 1.75
C LEU A 7 3.63 7.68 1.35
N ILE A 8 3.48 6.52 2.00
CA ILE A 8 4.30 5.35 1.69
C ILE A 8 3.40 4.13 1.68
N THR A 9 3.32 3.46 0.53
CA THR A 9 2.64 2.18 0.40
C THR A 9 3.68 1.07 0.37
N TRP A 10 3.44 0.01 1.15
CA TRP A 10 4.43 -1.06 1.24
C TRP A 10 3.76 -2.32 1.76
N ASN A 11 3.82 -3.38 0.98
CA ASN A 11 3.42 -4.72 1.43
C ASN A 11 4.63 -5.33 2.13
N ILE A 12 4.66 -5.18 3.46
CA ILE A 12 5.82 -5.60 4.25
C ILE A 12 6.04 -7.10 4.24
N ASP A 13 5.11 -7.88 3.69
CA ASP A 13 5.21 -9.34 3.61
C ASP A 13 5.36 -9.93 5.01
N GLY A 14 4.36 -9.65 5.86
CA GLY A 14 4.40 -10.08 7.24
C GLY A 14 4.25 -11.58 7.43
N LEU A 15 3.75 -12.29 6.42
CA LEU A 15 3.62 -13.74 6.54
C LEU A 15 4.97 -14.42 6.49
N ASP A 16 5.95 -13.81 5.84
CA ASP A 16 7.30 -14.37 5.73
C ASP A 16 7.99 -14.20 7.07
N LEU A 17 7.98 -15.26 7.89
CA LEU A 17 8.43 -15.17 9.28
C LEU A 17 9.95 -15.22 9.42
N ASN A 18 10.69 -15.50 8.35
CA ASN A 18 12.14 -15.64 8.46
C ASN A 18 12.81 -14.27 8.53
N ASN A 19 13.66 -14.10 9.54
CA ASN A 19 14.40 -12.85 9.77
C ASN A 19 13.47 -11.65 9.87
N LEU A 20 12.22 -11.86 10.27
CA LEU A 20 11.25 -10.77 10.31
C LEU A 20 11.60 -9.74 11.37
N SER A 21 12.29 -10.16 12.44
CA SER A 21 12.70 -9.21 13.47
C SER A 21 13.72 -8.21 12.93
N GLU A 22 14.52 -8.61 11.94
CA GLU A 22 15.49 -7.70 11.35
C GLU A 22 14.90 -6.92 10.18
N ARG A 23 14.02 -7.54 9.39
CA ARG A 23 13.36 -6.81 8.31
C ARG A 23 12.48 -5.70 8.85
N ALA A 24 11.79 -5.97 9.96
CA ALA A 24 10.95 -4.94 10.57
C ALA A 24 11.78 -3.80 11.15
N ARG A 25 13.02 -4.09 11.57
CA ARG A 25 13.91 -3.03 11.99
C ARG A 25 14.45 -2.24 10.80
N GLY A 26 14.45 -2.83 9.61
CA GLY A 26 14.84 -2.13 8.41
C GLY A 26 13.71 -1.29 7.86
N VAL A 27 12.49 -1.83 7.90
CA VAL A 27 11.32 -1.08 7.44
C VAL A 27 11.14 0.18 8.28
N CYS A 28 11.24 0.03 9.61
CA CYS A 28 11.15 1.20 10.48
C CYS A 28 12.26 2.20 10.17
N SER A 29 13.46 1.72 9.88
CA SER A 29 14.57 2.62 9.58
C SER A 29 14.32 3.42 8.31
N TYR A 30 13.59 2.84 7.35
CA TYR A 30 13.21 3.61 6.17
C TYR A 30 12.14 4.64 6.50
N LEU A 31 11.17 4.26 7.34
CA LEU A 31 10.12 5.20 7.72
C LEU A 31 10.66 6.35 8.57
N ALA A 32 11.69 6.08 9.38
CA ALA A 32 12.20 7.10 10.28
C ALA A 32 12.95 8.20 9.53
N LEU A 33 13.76 7.82 8.54
CA LEU A 33 14.54 8.82 7.81
C LEU A 33 13.65 9.67 6.91
N TYR A 34 12.66 9.04 6.25
CA TYR A 34 11.76 9.81 5.40
C TYR A 34 10.73 10.57 6.22
N SER A 35 10.20 9.94 7.27
CA SER A 35 9.20 10.54 8.16
C SER A 35 8.00 11.05 7.37
N PRO A 36 7.17 10.17 6.82
CA PRO A 36 6.05 10.60 5.99
C PRO A 36 4.86 11.03 6.84
N ASP A 37 3.82 11.51 6.16
CA ASP A 37 2.60 11.93 6.83
C ASP A 37 1.59 10.80 6.95
N VAL A 38 1.50 9.93 5.94
CA VAL A 38 0.58 8.80 5.93
C VAL A 38 1.34 7.57 5.46
N ILE A 39 0.95 6.40 5.99
CA ILE A 39 1.59 5.14 5.64
C ILE A 39 0.49 4.11 5.44
N PHE A 40 0.59 3.36 4.34
CA PHE A 40 -0.36 2.28 4.02
C PHE A 40 0.41 0.96 3.99
N LEU A 41 0.17 0.10 4.97
CA LEU A 41 0.83 -1.18 5.08
C LEU A 41 -0.14 -2.31 4.78
N GLN A 42 0.36 -3.37 4.15
CA GLN A 42 -0.44 -4.55 3.86
C GLN A 42 0.32 -5.78 4.36
N GLU A 43 -0.44 -6.85 4.61
CA GLU A 43 0.09 -8.11 5.13
C GLU A 43 0.85 -7.86 6.43
N VAL A 44 0.09 -7.52 7.46
CA VAL A 44 0.62 -7.25 8.79
C VAL A 44 0.09 -8.30 9.75
N ILE A 45 1.01 -8.99 10.43
CA ILE A 45 0.65 -10.00 11.42
C ILE A 45 0.61 -9.31 12.79
N PRO A 46 -0.06 -9.90 13.79
CA PRO A 46 -0.12 -9.28 15.12
C PRO A 46 1.26 -8.98 15.69
N PRO A 47 2.26 -9.85 15.53
CA PRO A 47 3.61 -9.47 15.99
C PRO A 47 4.17 -8.26 15.25
N TYR A 48 3.96 -8.16 13.94
CA TYR A 48 4.45 -7.00 13.19
C TYR A 48 3.82 -5.72 13.71
N TYR A 49 2.52 -5.74 13.96
CA TYR A 49 1.83 -4.58 14.53
C TYR A 49 2.36 -4.22 15.90
N SER A 50 2.96 -5.17 16.62
CA SER A 50 3.51 -4.87 17.94
C SER A 50 4.79 -4.07 17.85
N TYR A 51 5.60 -4.30 16.81
CA TYR A 51 6.85 -3.55 16.65
C TYR A 51 6.59 -2.13 16.22
N LEU A 52 5.70 -1.93 15.25
CA LEU A 52 5.41 -0.59 14.76
C LEU A 52 4.70 0.25 15.81
N LYS A 53 3.98 -0.39 16.73
CA LYS A 53 3.33 0.36 17.80
C LYS A 53 4.37 0.91 18.79
N LYS A 54 5.45 0.17 19.01
CA LYS A 54 6.45 0.61 19.99
C LYS A 54 7.49 1.52 19.35
N ARG A 55 7.90 1.22 18.12
CA ARG A 55 8.91 2.03 17.47
C ARG A 55 8.33 3.36 17.00
N SER A 56 7.32 3.30 16.13
CA SER A 56 6.68 4.49 15.59
C SER A 56 5.59 4.92 16.57
N SER A 57 5.99 5.74 17.55
CA SER A 57 5.08 6.20 18.58
C SER A 57 4.31 7.46 18.21
N ASN A 58 4.64 8.09 17.09
CA ASN A 58 4.01 9.33 16.66
C ASN A 58 2.98 9.11 15.57
N TYR A 59 2.43 7.90 15.45
CA TYR A 59 1.45 7.57 14.42
C TYR A 59 0.24 6.92 15.06
N GLU A 60 -0.95 7.26 14.56
CA GLU A 60 -2.21 6.71 15.04
C GLU A 60 -2.63 5.59 14.09
N ILE A 61 -2.33 4.35 14.47
CA ILE A 61 -2.52 3.21 13.58
C ILE A 61 -3.98 2.76 13.62
N ILE A 62 -4.50 2.38 12.46
CA ILE A 62 -5.84 1.83 12.33
C ILE A 62 -5.73 0.51 11.59
N THR A 63 -6.09 -0.58 12.28
CA THR A 63 -6.00 -1.92 11.70
C THR A 63 -7.30 -2.30 11.01
N GLY A 64 -7.18 -3.23 10.06
CA GLY A 64 -8.33 -3.69 9.30
C GLY A 64 -8.99 -4.91 9.90
N HIS A 65 -8.28 -5.62 10.78
CA HIS A 65 -8.83 -6.81 11.41
C HIS A 65 -8.12 -7.11 12.72
N GLU A 66 -7.80 -8.38 12.96
CA GLU A 66 -7.11 -8.79 14.18
C GLU A 66 -6.49 -10.17 14.02
N GLU A 67 -7.14 -11.03 13.25
CA GLU A 67 -6.68 -12.39 13.02
C GLU A 67 -6.05 -12.54 11.64
N GLY A 68 -5.07 -13.43 11.54
CA GLY A 68 -4.37 -13.62 10.29
C GLY A 68 -3.48 -12.44 9.96
N TYR A 69 -3.50 -12.04 8.69
CA TYR A 69 -2.84 -10.82 8.24
C TYR A 69 -3.91 -9.81 7.84
N PHE A 70 -3.53 -8.54 7.87
CA PHE A 70 -4.47 -7.47 7.56
C PHE A 70 -3.69 -6.22 7.16
N THR A 71 -4.43 -5.24 6.63
CA THR A 71 -3.86 -3.96 6.25
C THR A 71 -3.74 -3.06 7.47
N ALA A 72 -3.14 -1.88 7.27
CA ALA A 72 -2.96 -0.93 8.35
C ALA A 72 -2.65 0.44 7.78
N ILE A 73 -3.17 1.48 8.44
CA ILE A 73 -2.91 2.87 8.07
C ILE A 73 -2.31 3.58 9.27
N MET A 74 -1.18 4.25 9.07
CA MET A 74 -0.52 5.03 10.10
C MET A 74 -0.62 6.51 9.74
N LEU A 75 -1.10 7.31 10.67
CA LEU A 75 -1.33 8.74 10.45
C LEU A 75 -0.40 9.54 11.34
N LYS A 76 0.41 10.40 10.73
CA LYS A 76 1.30 11.28 11.48
C LYS A 76 0.47 12.16 12.41
N LYS A 77 0.49 11.83 13.71
CA LYS A 77 -0.39 12.52 14.67
C LYS A 77 -0.08 14.01 14.75
N SER A 78 1.17 14.40 14.51
CA SER A 78 1.54 15.80 14.61
C SER A 78 0.94 16.65 13.50
N ARG A 79 0.49 16.04 12.41
CA ARG A 79 0.09 16.80 11.23
C ARG A 79 -1.27 16.38 10.70
N VAL A 80 -1.62 15.11 10.86
CA VAL A 80 -2.86 14.55 10.34
C VAL A 80 -3.80 14.28 11.51
N LYS A 81 -5.04 14.73 11.39
CA LYS A 81 -6.04 14.60 12.44
C LYS A 81 -7.10 13.58 12.03
N LEU A 82 -7.46 12.69 12.95
CA LEU A 82 -8.46 11.66 12.68
C LEU A 82 -9.85 12.25 12.80
N LYS A 83 -10.64 12.10 11.75
CA LYS A 83 -12.05 12.47 11.75
C LYS A 83 -12.98 11.27 11.76
N SER A 84 -12.69 10.25 10.95
CA SER A 84 -13.50 9.06 10.88
C SER A 84 -12.64 7.89 10.42
N GLN A 85 -13.20 6.69 10.54
CA GLN A 85 -12.52 5.48 10.11
C GLN A 85 -13.57 4.39 9.94
N GLU A 86 -13.38 3.54 8.92
CA GLU A 86 -14.36 2.53 8.59
C GLU A 86 -13.69 1.40 7.82
N ILE A 87 -14.23 0.20 7.99
CA ILE A 87 -13.66 -1.02 7.42
C ILE A 87 -14.76 -1.67 6.58
N ILE A 88 -14.76 -1.40 5.28
CA ILE A 88 -15.77 -1.93 4.36
C ILE A 88 -15.26 -3.27 3.84
N PRO A 89 -15.87 -4.39 4.21
CA PRO A 89 -15.36 -5.69 3.78
C PRO A 89 -15.83 -6.08 2.39
N PHE A 90 -14.99 -6.89 1.72
CA PHE A 90 -15.34 -7.40 0.41
C PHE A 90 -16.38 -8.51 0.54
N PRO A 91 -17.33 -8.61 -0.39
CA PRO A 91 -18.36 -9.65 -0.29
C PRO A 91 -17.83 -11.05 -0.57
N SER A 92 -17.76 -11.43 -1.84
CA SER A 92 -17.31 -12.77 -2.22
C SER A 92 -15.79 -12.88 -2.14
N THR A 93 -15.20 -12.39 -1.06
CA THR A 93 -13.77 -12.60 -0.81
C THR A 93 -13.59 -13.92 -0.09
N LYS A 94 -12.63 -14.72 -0.57
CA LYS A 94 -12.29 -15.99 0.04
C LYS A 94 -10.90 -15.97 0.64
N MET A 95 -10.48 -14.79 1.15
CA MET A 95 -9.10 -14.65 1.61
C MET A 95 -8.98 -13.68 2.79
N MET A 96 -10.06 -13.40 3.51
CA MET A 96 -10.06 -12.52 4.68
C MET A 96 -9.48 -11.15 4.33
N ARG A 97 -10.15 -10.48 3.38
CA ARG A 97 -9.68 -9.23 2.83
C ARG A 97 -10.80 -8.19 2.84
N ASN A 98 -10.43 -6.94 3.10
CA ASN A 98 -11.40 -5.86 3.18
C ASN A 98 -10.76 -4.57 2.71
N LEU A 99 -11.55 -3.50 2.69
CA LEU A 99 -11.09 -2.18 2.28
C LEU A 99 -11.10 -1.26 3.50
N LEU A 100 -9.95 -0.62 3.77
CA LEU A 100 -9.76 0.18 4.97
C LEU A 100 -9.66 1.65 4.57
N CYS A 101 -10.65 2.44 4.98
CA CYS A 101 -10.70 3.86 4.70
C CYS A 101 -10.69 4.66 5.99
N VAL A 102 -10.02 5.82 5.96
CA VAL A 102 -9.93 6.70 7.12
C VAL A 102 -10.11 8.14 6.63
N HIS A 103 -11.13 8.81 7.15
CA HIS A 103 -11.35 10.22 6.85
C HIS A 103 -10.49 11.08 7.77
N VAL A 104 -9.60 11.87 7.19
CA VAL A 104 -8.70 12.72 7.96
C VAL A 104 -8.88 14.18 7.56
N ASN A 105 -8.06 15.05 8.14
CA ASN A 105 -8.03 16.45 7.73
C ASN A 105 -6.60 16.95 7.91
N VAL A 106 -5.95 17.27 6.80
CA VAL A 106 -4.57 17.72 6.80
C VAL A 106 -4.53 19.14 6.24
N SER A 107 -4.05 20.08 7.07
CA SER A 107 -3.93 21.49 6.68
C SER A 107 -5.27 22.10 6.28
N GLY A 108 -6.36 21.55 6.82
CA GLY A 108 -7.69 22.07 6.51
C GLY A 108 -8.29 21.57 5.22
N ASN A 109 -7.76 20.50 4.64
CA ASN A 109 -8.27 19.94 3.41
C ASN A 109 -8.98 18.62 3.68
N GLU A 110 -10.00 18.34 2.89
CA GLU A 110 -10.86 17.18 3.08
C GLU A 110 -10.54 16.14 1.99
N LEU A 111 -9.56 15.28 2.28
CA LEU A 111 -9.24 14.15 1.41
C LEU A 111 -9.06 12.91 2.28
N CYS A 112 -9.74 11.84 1.90
CA CYS A 112 -9.74 10.60 2.67
C CYS A 112 -8.61 9.68 2.19
N LEU A 113 -8.28 8.71 3.04
CA LEU A 113 -7.19 7.78 2.78
C LEU A 113 -7.74 6.36 2.78
N MET A 114 -7.37 5.59 1.75
CA MET A 114 -7.84 4.22 1.60
C MET A 114 -6.66 3.29 1.36
N THR A 115 -6.80 2.06 1.81
CA THR A 115 -5.84 1.01 1.50
C THR A 115 -6.58 -0.31 1.40
N SER A 116 -5.94 -1.28 0.76
CA SER A 116 -6.54 -2.60 0.60
C SER A 116 -5.47 -3.57 0.15
N HIS A 117 -5.84 -4.85 0.09
CA HIS A 117 -4.97 -5.94 -0.32
C HIS A 117 -5.88 -6.89 -1.11
N LEU A 118 -6.06 -6.58 -2.40
CA LEU A 118 -6.97 -7.36 -3.23
C LEU A 118 -6.48 -8.80 -3.36
N GLU A 119 -7.32 -9.62 -4.01
CA GLU A 119 -7.09 -11.06 -4.06
C GLU A 119 -5.71 -11.38 -4.64
N SER A 120 -4.96 -12.20 -3.90
CA SER A 120 -3.62 -12.58 -4.34
C SER A 120 -3.65 -13.62 -5.46
N THR A 121 -4.69 -14.45 -5.48
CA THR A 121 -4.77 -15.53 -6.45
C THR A 121 -4.82 -14.98 -7.87
N ARG A 122 -4.03 -15.58 -8.76
CA ARG A 122 -4.02 -15.17 -10.16
C ARG A 122 -5.21 -15.74 -10.92
N GLY A 123 -5.62 -16.97 -10.59
CA GLY A 123 -6.78 -17.56 -11.23
C GLY A 123 -8.08 -16.89 -10.81
N HIS A 124 -8.16 -16.44 -9.54
CA HIS A 124 -9.32 -15.72 -9.06
C HIS A 124 -9.29 -14.28 -9.57
N ALA A 125 -9.18 -14.11 -10.89
CA ALA A 125 -9.03 -12.78 -11.46
C ALA A 125 -10.35 -12.01 -11.42
N ALA A 126 -11.46 -12.67 -11.80
CA ALA A 126 -12.75 -12.01 -11.76
C ALA A 126 -13.10 -11.58 -10.34
N GLU A 127 -12.81 -12.43 -9.35
CA GLU A 127 -13.02 -12.05 -7.96
C GLU A 127 -12.17 -10.85 -7.57
N ARG A 128 -10.97 -10.74 -8.15
CA ARG A 128 -10.16 -9.55 -7.92
C ARG A 128 -10.71 -8.34 -8.67
N MET A 129 -11.22 -8.57 -9.89
CA MET A 129 -11.75 -7.46 -10.68
C MET A 129 -13.04 -6.93 -10.07
N ASN A 130 -13.87 -7.81 -9.51
CA ASN A 130 -15.03 -7.34 -8.75
C ASN A 130 -14.59 -6.59 -7.51
N GLN A 131 -13.46 -6.97 -6.91
CA GLN A 131 -12.91 -6.21 -5.79
C GLN A 131 -12.43 -4.84 -6.26
N LEU A 132 -11.88 -4.76 -7.47
CA LEU A 132 -11.43 -3.48 -8.00
C LEU A 132 -12.59 -2.52 -8.21
N LYS A 133 -13.74 -3.04 -8.65
CA LYS A 133 -14.87 -2.17 -8.96
C LYS A 133 -15.44 -1.53 -7.69
N MET A 134 -15.50 -2.28 -6.59
CA MET A 134 -15.99 -1.71 -5.34
C MET A 134 -15.05 -0.66 -4.77
N VAL A 135 -13.76 -0.70 -5.15
CA VAL A 135 -12.82 0.32 -4.70
C VAL A 135 -13.10 1.64 -5.40
N LEU A 136 -13.22 1.61 -6.73
CA LEU A 136 -13.48 2.83 -7.48
C LEU A 136 -14.88 3.36 -7.23
N LYS A 137 -15.83 2.49 -6.91
CA LYS A 137 -17.18 2.96 -6.61
C LYS A 137 -17.26 3.64 -5.26
N LYS A 138 -16.41 3.24 -4.31
CA LYS A 138 -16.37 3.90 -3.01
C LYS A 138 -15.59 5.21 -3.06
N MET A 139 -14.57 5.29 -3.91
CA MET A 139 -13.79 6.52 -4.04
C MET A 139 -14.68 7.68 -4.50
N GLN A 140 -15.50 7.44 -5.53
CA GLN A 140 -16.38 8.47 -6.05
C GLN A 140 -17.50 8.85 -5.07
N GLU A 141 -17.66 8.10 -3.98
CA GLU A 141 -18.75 8.31 -3.04
C GLU A 141 -18.36 9.12 -1.82
N ALA A 142 -17.08 9.45 -1.64
CA ALA A 142 -16.65 10.19 -0.47
C ALA A 142 -16.80 11.69 -0.67
N VAL A 148 -9.50 12.14 -2.17
CA VAL A 148 -9.52 10.69 -2.10
C VAL A 148 -8.23 10.12 -2.69
N ILE A 149 -7.49 9.39 -1.87
CA ILE A 149 -6.17 8.89 -2.23
C ILE A 149 -6.15 7.41 -1.88
N PHE A 150 -6.35 6.54 -2.86
CA PHE A 150 -6.23 5.11 -2.64
C PHE A 150 -4.79 4.66 -2.87
N ALA A 151 -4.38 3.63 -2.14
CA ALA A 151 -3.03 3.10 -2.24
C ALA A 151 -2.93 1.75 -1.55
N GLY A 152 -2.33 0.77 -2.20
CA GLY A 152 -2.15 -0.53 -1.60
C GLY A 152 -1.84 -1.59 -2.64
N ASP A 153 -1.58 -2.80 -2.13
CA ASP A 153 -1.29 -3.94 -2.98
C ASP A 153 -2.56 -4.32 -3.76
N THR A 154 -2.57 -4.06 -5.06
CA THR A 154 -3.73 -4.32 -5.89
C THR A 154 -3.70 -5.67 -6.59
N ASN A 155 -2.51 -6.21 -6.87
CA ASN A 155 -2.35 -7.49 -7.55
C ASN A 155 -2.97 -7.48 -8.93
N LEU A 156 -2.98 -6.30 -9.58
CA LEU A 156 -3.55 -6.14 -10.91
C LEU A 156 -2.46 -6.25 -11.97
N ARG A 157 -2.83 -6.80 -13.12
CA ARG A 157 -1.90 -6.97 -14.23
C ARG A 157 -2.67 -7.44 -15.46
N ASP A 158 -1.97 -7.50 -16.59
CA ASP A 158 -2.49 -8.03 -17.84
C ASP A 158 -3.78 -7.32 -18.26
N ARG A 159 -3.76 -5.99 -18.15
CA ARG A 159 -4.88 -5.13 -18.55
C ARG A 159 -6.18 -5.54 -17.87
N GLU A 160 -6.10 -6.03 -16.64
CA GLU A 160 -7.31 -6.37 -15.90
C GLU A 160 -8.12 -5.12 -15.57
N VAL A 161 -7.47 -3.96 -15.47
CA VAL A 161 -8.20 -2.71 -15.31
C VAL A 161 -9.03 -2.42 -16.55
N THR A 162 -8.50 -2.78 -17.73
CA THR A 162 -9.24 -2.55 -18.97
C THR A 162 -10.47 -3.43 -19.05
N ARG A 163 -10.31 -4.73 -18.79
CA ARG A 163 -11.42 -5.66 -18.88
C ARG A 163 -12.44 -5.48 -17.76
N SER A 164 -12.13 -4.69 -16.74
CA SER A 164 -13.06 -4.41 -15.66
C SER A 164 -13.88 -3.15 -15.89
N GLY A 165 -13.76 -2.54 -17.07
CA GLY A 165 -14.45 -1.30 -17.38
C GLY A 165 -13.59 -0.06 -17.35
N GLY A 166 -12.28 -0.21 -17.15
CA GLY A 166 -11.38 0.93 -17.15
C GLY A 166 -11.53 1.84 -15.94
N LEU A 167 -10.61 2.78 -15.81
CA LEU A 167 -10.68 3.74 -14.72
C LEU A 167 -11.63 4.89 -15.09
N PRO A 168 -12.30 5.48 -14.10
CA PRO A 168 -13.18 6.61 -14.39
C PRO A 168 -12.38 7.90 -14.55
N ASN A 169 -13.07 8.93 -15.06
CA ASN A 169 -12.41 10.19 -15.36
C ASN A 169 -11.87 10.85 -14.10
N ASN A 170 -12.63 10.79 -13.01
CA ASN A 170 -12.24 11.46 -11.77
C ASN A 170 -11.13 10.72 -11.01
N ILE A 171 -10.80 9.49 -11.41
CA ILE A 171 -9.78 8.69 -10.73
C ILE A 171 -8.61 8.51 -11.70
N VAL A 172 -7.41 8.89 -11.25
CA VAL A 172 -6.20 8.79 -12.06
C VAL A 172 -5.14 8.05 -11.26
N ASP A 173 -4.23 7.40 -11.98
CA ASP A 173 -3.14 6.63 -11.38
C ASP A 173 -1.89 7.50 -11.35
N VAL A 174 -1.34 7.69 -10.14
CA VAL A 174 -0.20 8.59 -9.96
C VAL A 174 0.97 8.20 -10.85
N TRP A 175 1.16 6.90 -11.10
CA TRP A 175 2.25 6.49 -11.97
C TRP A 175 2.00 6.95 -13.40
N GLU A 176 0.86 6.56 -13.98
CA GLU A 176 0.55 6.96 -15.35
C GLU A 176 0.41 8.47 -15.48
N PHE A 177 0.00 9.15 -14.40
CA PHE A 177 -0.20 10.59 -14.46
C PHE A 177 1.12 11.33 -14.53
N LEU A 178 2.19 10.76 -13.97
CA LEU A 178 3.52 11.37 -14.03
C LEU A 178 4.29 11.00 -15.29
N GLY A 179 3.58 10.79 -16.41
CA GLY A 179 4.23 10.43 -17.65
C GLY A 179 4.75 9.03 -17.73
N LYS A 180 4.19 8.11 -16.92
CA LYS A 180 4.61 6.72 -16.84
C LYS A 180 6.12 6.63 -16.62
N PRO A 181 6.63 7.06 -15.46
CA PRO A 181 8.08 6.98 -15.22
C PRO A 181 8.55 5.54 -15.24
N LYS A 182 9.82 5.35 -15.59
CA LYS A 182 10.40 4.03 -15.77
C LYS A 182 11.08 3.47 -14.53
N HIS A 183 11.58 4.33 -13.64
CA HIS A 183 12.34 3.85 -12.49
C HIS A 183 11.44 3.13 -11.49
N CYS A 184 10.16 3.47 -11.43
CA CYS A 184 9.19 2.82 -10.55
C CYS A 184 8.12 2.10 -11.36
N GLN A 185 8.52 1.50 -12.48
CA GLN A 185 7.57 0.80 -13.34
C GLN A 185 7.03 -0.45 -12.67
N TYR A 186 7.83 -1.09 -11.82
CA TYR A 186 7.47 -2.39 -11.24
C TYR A 186 7.73 -2.37 -9.75
N THR A 187 6.71 -2.75 -8.97
CA THR A 187 6.87 -2.89 -7.53
C THR A 187 7.17 -4.32 -7.10
N TRP A 188 6.91 -5.30 -7.96
CA TRP A 188 7.18 -6.71 -7.68
C TRP A 188 8.14 -7.21 -8.76
N ASP A 189 9.42 -7.27 -8.42
CA ASP A 189 10.49 -7.62 -9.36
C ASP A 189 11.17 -8.90 -8.87
N THR A 190 10.77 -10.04 -9.43
CA THR A 190 11.42 -11.30 -9.07
C THR A 190 12.87 -11.37 -9.53
N GLN A 191 13.23 -10.59 -10.55
CA GLN A 191 14.62 -10.53 -10.99
C GLN A 191 15.51 -9.91 -9.93
N MET A 192 15.26 -8.65 -9.58
CA MET A 192 16.13 -7.95 -8.65
C MET A 192 15.91 -8.42 -7.22
N ASN A 193 14.65 -8.51 -6.79
CA ASN A 193 14.34 -8.92 -5.42
C ASN A 193 14.45 -10.44 -5.33
N SER A 194 15.41 -10.92 -4.52
CA SER A 194 15.67 -12.34 -4.37
C SER A 194 15.23 -12.86 -3.01
N ASN A 195 14.16 -12.30 -2.46
CA ASN A 195 13.51 -12.89 -1.28
C ASN A 195 12.65 -14.09 -1.65
N LEU A 196 12.54 -14.41 -2.94
CA LEU A 196 11.62 -15.44 -3.41
C LEU A 196 12.30 -16.64 -4.05
N GLY A 197 13.57 -16.52 -4.46
CA GLY A 197 14.25 -17.63 -5.09
C GLY A 197 13.64 -18.09 -6.39
N ILE A 198 12.84 -17.24 -7.04
CA ILE A 198 12.17 -17.59 -8.28
C ILE A 198 13.19 -17.54 -9.41
N THR A 199 13.50 -18.70 -10.00
CA THR A 199 14.44 -18.75 -11.11
C THR A 199 13.90 -18.02 -12.33
N ALA A 200 12.58 -17.91 -12.46
CA ALA A 200 11.99 -17.14 -13.53
C ALA A 200 12.17 -15.65 -13.28
N ALA A 201 12.00 -14.86 -14.35
CA ALA A 201 12.16 -13.41 -14.29
C ALA A 201 10.87 -12.75 -14.75
N CYS A 202 10.12 -12.19 -13.82
CA CYS A 202 8.91 -11.45 -14.14
C CYS A 202 8.86 -10.19 -13.29
N LYS A 203 8.32 -9.12 -13.87
CA LYS A 203 8.18 -7.84 -13.19
C LYS A 203 6.76 -7.34 -13.36
N LEU A 204 6.17 -6.86 -12.27
CA LEU A 204 4.79 -6.41 -12.28
C LEU A 204 4.64 -5.18 -11.38
N ARG A 205 3.60 -4.40 -11.65
CA ARG A 205 3.29 -3.20 -10.89
C ARG A 205 2.04 -3.48 -10.07
N PHE A 206 2.24 -4.00 -8.86
CA PHE A 206 1.13 -4.34 -7.96
C PHE A 206 0.69 -3.15 -7.13
N ASP A 207 1.59 -2.62 -6.31
CA ASP A 207 1.26 -1.49 -5.44
C ASP A 207 0.97 -0.26 -6.28
N ARG A 208 -0.28 0.17 -6.30
CA ARG A 208 -0.73 1.29 -7.11
C ARG A 208 -1.32 2.37 -6.21
N ILE A 209 -1.47 3.57 -6.77
CA ILE A 209 -1.97 4.72 -6.03
C ILE A 209 -2.95 5.47 -6.91
N PHE A 210 -4.21 5.55 -6.48
CA PHE A 210 -5.25 6.24 -7.20
C PHE A 210 -5.59 7.55 -6.51
N PHE A 211 -5.92 8.57 -7.32
CA PHE A 211 -6.12 9.92 -6.84
C PHE A 211 -7.50 10.42 -7.23
N ARG A 212 -8.05 11.32 -6.42
CA ARG A 212 -9.34 11.92 -6.69
C ARG A 212 -9.22 13.05 -7.70
N ILE A 220 -4.76 19.56 -4.53
CA ILE A 220 -3.66 18.64 -4.34
C ILE A 220 -3.20 18.05 -5.67
N ILE A 221 -1.89 17.94 -5.85
CA ILE A 221 -1.31 17.39 -7.07
C ILE A 221 -0.09 16.55 -6.70
N PRO A 222 0.01 15.31 -7.19
CA PRO A 222 1.16 14.47 -6.83
C PRO A 222 2.44 14.95 -7.49
N ARG A 223 3.52 14.96 -6.72
CA ARG A 223 4.81 15.51 -7.14
C ARG A 223 5.77 14.44 -7.63
N SER A 224 6.17 13.53 -6.75
CA SER A 224 7.18 12.52 -7.07
C SER A 224 6.66 11.13 -6.74
N LEU A 225 7.39 10.13 -7.23
CA LEU A 225 7.07 8.72 -6.98
C LEU A 225 8.37 7.93 -7.05
N ASP A 226 8.71 7.21 -5.99
CA ASP A 226 10.01 6.55 -5.92
C ASP A 226 9.88 5.24 -5.14
N LEU A 227 10.87 4.38 -5.33
CA LEU A 227 10.89 3.04 -4.77
C LEU A 227 11.67 3.00 -3.46
N LEU A 228 11.23 2.12 -2.56
CA LEU A 228 11.84 1.97 -1.25
C LEU A 228 12.27 0.52 -1.02
N GLY A 229 13.19 0.36 -0.08
CA GLY A 229 13.65 -0.96 0.33
C GLY A 229 14.48 -1.70 -0.70
N LEU A 230 15.31 -0.98 -1.45
CA LEU A 230 16.16 -1.62 -2.46
C LEU A 230 17.50 -2.09 -1.91
N GLU A 231 17.79 -1.81 -0.65
CA GLU A 231 19.06 -2.18 -0.03
C GLU A 231 18.88 -3.44 0.80
N LYS A 232 19.70 -4.45 0.53
CA LYS A 232 19.67 -5.67 1.30
C LYS A 232 20.21 -5.42 2.71
N LEU A 233 19.58 -6.03 3.69
CA LEU A 233 19.96 -5.83 5.09
C LEU A 233 21.15 -6.72 5.44
N ASP A 234 21.52 -6.74 6.73
CA ASP A 234 22.72 -7.46 7.14
C ASP A 234 22.53 -8.97 7.06
N CYS A 235 21.31 -9.45 7.19
CA CYS A 235 21.03 -10.87 7.10
C CYS A 235 20.85 -11.35 5.65
N GLY A 236 21.16 -10.49 4.67
CA GLY A 236 21.12 -10.89 3.28
C GLY A 236 19.75 -10.97 2.65
N ARG A 237 18.72 -10.43 3.30
CA ARG A 237 17.37 -10.47 2.78
C ARG A 237 16.75 -9.07 2.82
N PHE A 238 15.93 -8.77 1.81
CA PHE A 238 15.32 -7.46 1.71
C PHE A 238 14.20 -7.32 2.75
N PRO A 239 13.78 -6.08 3.03
CA PRO A 239 12.68 -5.88 3.98
C PRO A 239 11.36 -6.49 3.54
N SER A 240 11.14 -6.65 2.24
CA SER A 240 9.89 -7.21 1.74
C SER A 240 10.08 -7.69 0.32
N ASP A 241 9.19 -8.59 -0.11
CA ASP A 241 9.22 -9.04 -1.50
C ASP A 241 8.70 -7.97 -2.45
N HIS A 242 7.81 -7.11 -1.96
CA HIS A 242 7.38 -5.92 -2.70
C HIS A 242 8.34 -4.76 -2.42
N TRP A 243 8.36 -3.81 -3.35
CA TRP A 243 9.05 -2.55 -3.10
C TRP A 243 8.13 -1.58 -2.37
N GLY A 244 8.73 -0.69 -1.60
CA GLY A 244 7.98 0.38 -0.98
C GLY A 244 7.81 1.54 -1.95
N LEU A 245 6.61 2.08 -1.99
CA LEU A 245 6.28 3.22 -2.84
C LEU A 245 6.20 4.48 -1.99
N LEU A 246 6.65 5.60 -2.55
CA LEU A 246 6.61 6.88 -1.85
C LEU A 246 6.19 7.96 -2.82
N CYS A 247 5.08 8.62 -2.53
CA CYS A 247 4.54 9.68 -3.37
C CYS A 247 4.44 10.96 -2.56
N ASN A 248 5.15 12.00 -3.01
CA ASN A 248 5.06 13.32 -2.40
C ASN A 248 3.99 14.15 -3.10
N LEU A 249 3.40 15.07 -2.35
CA LEU A 249 2.38 15.97 -2.86
C LEU A 249 2.55 17.33 -2.21
N ASP A 250 1.66 18.26 -2.56
CA ASP A 250 1.68 19.60 -1.98
C ASP A 250 0.27 20.05 -1.62
N1 6FQ B . 1.99 -12.51 -15.18
N3 6FQ B . 3.37 -14.77 -12.00
C4 6FQ B . 3.73 -13.89 -14.22
C5 6FQ B . 4.96 -14.53 -14.30
C6 6FQ B . 4.61 -15.41 -12.08
C7 6FQ B . 5.42 -15.29 -13.23
C8 6FQ B . 6.67 -15.96 -13.27
C10 6FQ B . 6.28 -16.83 -11.07
C13 6FQ B . 2.55 -14.90 -10.80
C15 6FQ B . 1.91 -14.13 -8.63
C17 6FQ B . 0.85 -16.06 -9.60
C1 6FQ B . 3.23 -13.09 -15.33
C2 6FQ B . 1.26 -12.66 -14.01
N2 6FQ B . 1.73 -13.42 -12.96
C3 6FQ B . 2.92 -14.01 -13.06
C9 6FQ B . 5.07 -16.19 -10.99
C11 6FQ B . 7.08 -16.71 -12.20
C12 6FQ B . 6.74 -17.62 -9.96
N4 6FQ B . 7.10 -18.25 -9.08
O1 6FQ B . 0.17 -12.10 -13.95
O2 6FQ B . 3.84 -12.92 -16.39
C14 6FQ B . 2.70 -14.00 -9.76
C16 6FQ B . 0.99 -15.16 -8.55
C18 6FQ B . 1.64 -15.93 -10.73
C19 6FQ B . -0.13 -17.15 -9.51
N5 6FQ B . -0.97 -17.38 -8.51
N6 6FQ B . -0.34 -18.08 -10.44
N7 6FQ B . -1.32 -18.88 -9.96
N8 6FQ B . -1.72 -18.47 -8.80
#